data_2WEL
#
_entry.id   2WEL
#
_cell.length_a   68.260
_cell.length_b   68.850
_cell.length_c   121.980
_cell.angle_alpha   90.00
_cell.angle_beta   90.00
_cell.angle_gamma   90.00
#
_symmetry.space_group_name_H-M   'P 21 21 21'
#
loop_
_entity.id
_entity.type
_entity.pdbx_description
1 polymer 'CALCIUM/CALMODULIN-DEPENDENT PROTEIN KINASE TYPE II DELTA CHAIN'
2 polymer CALMODULIN
3 non-polymer (3Z)-N,N-DIMETHYL-2-OXO-3-(4,5,6,7-TETRAHYDRO-1H-INDOL-2-YLMETHYLIDENE)-2,3-DIHYDRO-1H-INDOLE-5-SULFONAMIDE
4 non-polymer 1,2-ETHANEDIOL
5 non-polymer 'PHOSPHATE ION'
6 non-polymer 'CALCIUM ION'
7 water water
#
loop_
_entity_poly.entity_id
_entity_poly.type
_entity_poly.pdbx_seq_one_letter_code
_entity_poly.pdbx_strand_id
1 'polypeptide(L)'
;SMTDEYQLFEELGKGAFSVVRRCMKIPTGQEYAAKIINTKKLSARDHQKLEREARICRLLKHPNIVRLHDSISEEGFHYL
VFDLVTGGELFEDIVAREYYSEADASHCIQQILESVNHCHLNGIVHRDLKPENLLLASKSKGAAVKLADFGLAIEVQGDQ
QAWFGFAGTPGYLSPEVLRKDPYGKPVDMWACGVILYILLVGYPPFWDEDQHRLYQQIKAGAYDFPSPEWDTVTPEAKDL
INKMLTINPAKRITASEALKHPWICQRSTVASMMHRQETVDCLKKFNARRKLKGAILTTMLATRNFSAAKSLLKKPDGVK
ESTESSN
;
A
2 'polypeptide(L)'
;SMADQLTEEQIAEFKEAFSLFDKDGDGTITTKELGTVMRSLGQNPTEAELQDMINEVDADGNGTIDFPEFLTMMARKMKD
TDSEEEIREAFRVFDKDGNGYISAAELRHVMTNLGEKLTDEEVDEMIREADIDGDGQVNYEEFVQMMTAK
;
D
#
# COMPACT_ATOMS: atom_id res chain seq x y z
N SER A 1 49.02 -23.36 8.19
CA SER A 1 47.91 -24.32 8.45
C SER A 1 46.64 -23.55 8.84
N MET A 2 45.55 -24.26 9.03
CA MET A 2 44.27 -23.66 9.35
C MET A 2 44.34 -22.66 10.51
N THR A 3 44.95 -23.06 11.61
CA THR A 3 44.99 -22.22 12.81
C THR A 3 45.98 -21.06 12.66
N ASP A 4 46.84 -21.08 11.63
CA ASP A 4 47.64 -19.89 11.29
C ASP A 4 46.81 -18.91 10.47
N GLU A 5 45.75 -19.38 9.82
CA GLU A 5 44.95 -18.52 8.97
C GLU A 5 43.64 -18.08 9.57
N TYR A 6 43.05 -18.92 10.41
CA TYR A 6 41.72 -18.71 10.97
C TYR A 6 41.77 -18.86 12.48
N GLN A 7 41.12 -17.94 13.17
CA GLN A 7 40.81 -18.04 14.57
C GLN A 7 39.43 -18.67 14.70
N LEU A 8 39.33 -19.76 15.44
CA LEU A 8 38.03 -20.37 15.64
C LEU A 8 37.38 -19.91 16.94
N PHE A 9 36.07 -19.72 16.91
CA PHE A 9 35.31 -19.38 18.14
C PHE A 9 34.21 -20.42 18.42
N GLU A 10 33.02 -19.99 18.78
CA GLU A 10 32.04 -20.92 19.35
C GLU A 10 31.39 -21.82 18.29
N GLU A 11 30.89 -22.96 18.76
CA GLU A 11 30.11 -23.85 17.93
C GLU A 11 28.75 -23.24 17.59
N LEU A 12 28.40 -23.32 16.31
CA LEU A 12 27.15 -22.82 15.76
C LEU A 12 26.21 -23.95 15.46
N GLY A 13 26.77 -25.12 15.20
CA GLY A 13 25.93 -26.24 14.79
C GLY A 13 26.73 -27.49 14.54
N LYS A 14 26.01 -28.59 14.32
CA LYS A 14 26.61 -29.92 14.17
C LYS A 14 26.11 -30.55 12.91
N GLY A 15 26.87 -31.51 12.40
CA GLY A 15 26.46 -32.26 11.21
C GLY A 15 26.97 -33.67 11.29
N ALA A 16 26.87 -34.41 10.19
CA ALA A 16 27.37 -35.78 10.13
C ALA A 16 28.89 -35.69 10.15
N PHE A 17 29.48 -36.25 11.20
CA PHE A 17 30.93 -36.27 11.39
C PHE A 17 31.52 -34.86 11.39
N SER A 18 30.73 -33.87 11.83
CA SER A 18 31.17 -32.49 11.71
C SER A 18 30.54 -31.51 12.67
N VAL A 19 31.26 -30.41 12.89
CA VAL A 19 30.77 -29.28 13.68
C VAL A 19 30.98 -28.03 12.83
N VAL A 20 30.17 -27.01 13.06
CA VAL A 20 30.36 -25.71 12.42
C VAL A 20 30.67 -24.76 13.54
N ARG A 21 31.75 -24.00 13.37
CA ARG A 21 32.16 -22.98 14.30
C ARG A 21 32.30 -21.64 13.61
N ARG A 22 31.97 -20.58 14.34
CA ARG A 22 32.28 -19.25 13.85
C ARG A 22 33.80 -19.14 13.82
N CYS A 23 34.31 -18.48 12.80
CA CYS A 23 35.73 -18.23 12.65
C CYS A 23 36.02 -16.86 12.04
N MET A 24 37.28 -16.49 12.07
CA MET A 24 37.71 -15.18 11.63
C MET A 24 39.04 -15.33 10.93
N LYS A 25 39.13 -14.78 9.73
CA LYS A 25 40.36 -14.73 8.99
C LYS A 25 41.34 -13.82 9.73
N ILE A 26 42.51 -14.32 10.08
CA ILE A 26 43.39 -13.64 11.05
C ILE A 26 43.85 -12.22 10.68
N PRO A 27 44.43 -12.07 9.49
CA PRO A 27 44.92 -10.75 9.08
C PRO A 27 43.82 -9.72 8.70
N THR A 28 42.61 -10.16 8.40
CA THR A 28 41.57 -9.28 7.86
C THR A 28 40.42 -8.99 8.87
N GLY A 29 40.18 -9.91 9.79
CA GLY A 29 39.10 -9.72 10.76
C GLY A 29 37.72 -10.08 10.26
N GLN A 30 37.61 -10.53 9.01
CA GLN A 30 36.32 -10.97 8.48
C GLN A 30 35.91 -12.34 9.02
N GLU A 31 34.64 -12.44 9.39
CA GLU A 31 34.07 -13.65 9.96
C GLU A 31 33.34 -14.55 8.96
N TYR A 32 33.42 -15.85 9.26
CA TYR A 32 32.88 -16.93 8.46
C TYR A 32 32.32 -18.03 9.33
N ALA A 33 31.74 -19.04 8.68
CA ALA A 33 31.38 -20.30 9.30
C ALA A 33 32.32 -21.40 8.80
N ALA A 34 33.08 -22.01 9.71
CA ALA A 34 34.00 -23.12 9.35
C ALA A 34 33.29 -24.42 9.67
N LYS A 35 33.09 -25.22 8.63
CA LYS A 35 32.61 -26.58 8.84
C LYS A 35 33.82 -27.50 9.06
N ILE A 36 33.88 -28.13 10.21
CA ILE A 36 35.04 -28.92 10.58
C ILE A 36 34.61 -30.38 10.50
N ILE A 37 35.18 -31.09 9.53
CA ILE A 37 34.87 -32.52 9.32
C ILE A 37 35.97 -33.41 9.84
N ASN A 38 35.59 -34.36 10.70
CA ASN A 38 36.55 -35.27 11.28
C ASN A 38 36.73 -36.39 10.27
N THR A 39 37.79 -36.32 9.45
CA THR A 39 37.95 -37.30 8.38
C THR A 39 38.48 -38.67 8.79
N LYS A 40 38.98 -38.78 10.02
CA LYS A 40 39.31 -40.09 10.59
C LYS A 40 38.04 -40.94 10.68
N LYS A 41 36.88 -40.31 10.72
CA LYS A 41 35.62 -41.05 10.82
C LYS A 41 34.93 -41.32 9.48
N LEU A 42 35.51 -40.85 8.37
CA LEU A 42 34.85 -40.98 7.09
C LEU A 42 35.38 -42.22 6.33
N SER A 43 34.49 -43.04 5.79
CA SER A 43 34.91 -44.05 4.81
C SER A 43 35.47 -43.34 3.56
N ALA A 44 36.14 -44.08 2.70
CA ALA A 44 36.64 -43.58 1.41
C ALA A 44 35.46 -43.06 0.61
N ARG A 45 34.34 -43.79 0.66
CA ARG A 45 33.15 -43.38 -0.06
C ARG A 45 32.61 -42.04 0.37
N ASP A 46 32.54 -41.84 1.68
CA ASP A 46 32.13 -40.54 2.20
C ASP A 46 33.14 -39.42 1.91
N HIS A 47 34.42 -39.73 1.93
CA HIS A 47 35.37 -38.69 1.56
C HIS A 47 35.22 -38.33 0.08
N GLN A 48 34.93 -39.33 -0.75
CA GLN A 48 34.71 -39.07 -2.18
C GLN A 48 33.51 -38.12 -2.38
N LYS A 49 32.46 -38.30 -1.56
CA LYS A 49 31.32 -37.39 -1.60
C LYS A 49 31.70 -35.98 -1.16
N LEU A 50 32.53 -35.87 -0.13
CA LEU A 50 33.00 -34.58 0.33
C LEU A 50 33.79 -33.88 -0.78
N GLU A 51 34.63 -34.66 -1.46
CA GLU A 51 35.42 -34.18 -2.61
C GLU A 51 34.53 -33.60 -3.68
N ARG A 52 33.50 -34.33 -4.05
CA ARG A 52 32.52 -33.85 -5.06
C ARG A 52 31.82 -32.59 -4.58
N GLU A 53 31.32 -32.61 -3.33
CA GLU A 53 30.60 -31.46 -2.78
C GLU A 53 31.45 -30.19 -2.79
N ALA A 54 32.70 -30.31 -2.37
CA ALA A 54 33.63 -29.15 -2.33
C ALA A 54 33.96 -28.66 -3.71
N ARG A 55 34.07 -29.58 -4.66
CA ARG A 55 34.35 -29.21 -6.03
C ARG A 55 33.19 -28.42 -6.63
N ILE A 56 31.99 -28.89 -6.36
CA ILE A 56 30.81 -28.25 -6.84
C ILE A 56 30.63 -26.87 -6.16
N CYS A 57 30.82 -26.80 -4.85
CA CYS A 57 30.65 -25.52 -4.18
C CYS A 57 31.69 -24.52 -4.65
N ARG A 58 32.92 -24.95 -4.92
CA ARG A 58 33.96 -24.06 -5.41
C ARG A 58 33.58 -23.41 -6.75
N LEU A 59 32.95 -24.22 -7.59
CA LEU A 59 32.49 -23.78 -8.89
C LEU A 59 31.39 -22.72 -8.81
N LEU A 60 30.57 -22.73 -7.76
CA LEU A 60 29.39 -21.86 -7.74
C LEU A 60 29.58 -20.58 -6.95
N LYS A 61 29.53 -19.46 -7.67
CA LYS A 61 29.67 -18.14 -7.07
C LYS A 61 28.48 -17.27 -7.49
N HIS A 62 27.57 -17.04 -6.53
CA HIS A 62 26.30 -16.38 -6.82
C HIS A 62 25.70 -15.84 -5.51
N PRO A 63 25.00 -14.71 -5.57
CA PRO A 63 24.49 -14.06 -4.35
C PRO A 63 23.42 -14.90 -3.64
N ASN A 64 22.80 -15.82 -4.37
CA ASN A 64 21.80 -16.70 -3.78
C ASN A 64 22.32 -18.15 -3.59
N ILE A 65 23.63 -18.32 -3.54
CA ILE A 65 24.24 -19.60 -3.15
C ILE A 65 25.26 -19.38 -2.03
N VAL A 66 25.16 -20.18 -0.95
CA VAL A 66 26.11 -20.05 0.15
C VAL A 66 27.50 -20.29 -0.44
N ARG A 67 28.41 -19.35 -0.22
CA ARG A 67 29.69 -19.41 -0.87
C ARG A 67 30.71 -20.18 -0.02
N LEU A 68 31.40 -21.13 -0.66
CA LEU A 68 32.60 -21.76 -0.13
C LEU A 68 33.85 -20.93 -0.47
N HIS A 69 34.49 -20.38 0.56
CA HIS A 69 35.63 -19.48 0.38
C HIS A 69 36.97 -20.20 0.44
N ASP A 70 37.01 -21.36 1.12
CA ASP A 70 38.29 -22.06 1.38
C ASP A 70 38.04 -23.48 1.75
N SER A 71 38.92 -24.36 1.28
CA SER A 71 38.90 -25.80 1.59
C SER A 71 40.34 -26.13 1.99
N ILE A 72 40.51 -26.54 3.24
CA ILE A 72 41.82 -26.83 3.81
C ILE A 72 41.81 -28.25 4.37
N SER A 73 42.72 -29.07 3.84
CA SER A 73 42.89 -30.47 4.26
C SER A 73 44.03 -30.60 5.26
N GLU A 74 43.75 -31.10 6.47
CA GLU A 74 44.80 -31.43 7.46
C GLU A 74 44.70 -32.89 7.90
N GLU A 75 45.64 -33.32 8.73
CA GLU A 75 45.63 -34.72 9.16
C GLU A 75 44.42 -34.98 10.07
N GLY A 76 43.48 -35.76 9.56
CA GLY A 76 42.27 -36.11 10.28
C GLY A 76 41.17 -35.07 10.33
N PHE A 77 41.42 -33.86 9.83
CA PHE A 77 40.39 -32.81 9.79
C PHE A 77 40.39 -32.06 8.48
N HIS A 78 39.18 -31.88 7.92
CA HIS A 78 39.01 -31.08 6.71
C HIS A 78 38.15 -29.87 7.06
N TYR A 79 38.60 -28.71 6.63
CA TYR A 79 37.93 -27.43 6.96
C TYR A 79 37.36 -26.82 5.68
N LEU A 80 36.07 -26.51 5.73
CA LEU A 80 35.34 -25.83 4.67
C LEU A 80 34.83 -24.53 5.27
N VAL A 81 35.28 -23.44 4.69
CA VAL A 81 34.98 -22.09 5.19
C VAL A 81 33.92 -21.45 4.28
N PHE A 82 32.73 -21.27 4.86
CA PHE A 82 31.54 -20.76 4.16
C PHE A 82 31.16 -19.38 4.69
N ASP A 83 30.31 -18.68 3.93
CA ASP A 83 29.61 -17.52 4.41
C ASP A 83 28.99 -17.84 5.78
N LEU A 84 29.12 -16.90 6.70
CA LEU A 84 28.30 -16.87 7.90
C LEU A 84 26.92 -16.32 7.57
N VAL A 85 25.89 -17.01 8.05
CA VAL A 85 24.50 -16.53 7.90
C VAL A 85 23.84 -16.53 9.27
N THR A 86 23.03 -15.51 9.54
CA THR A 86 22.45 -15.35 10.89
C THR A 86 20.91 -15.39 10.88
N GLY A 87 20.31 -15.56 9.70
CA GLY A 87 18.87 -15.55 9.54
C GLY A 87 18.17 -16.88 9.69
N GLY A 88 18.95 -17.94 9.86
CA GLY A 88 18.45 -19.30 9.99
C GLY A 88 17.91 -19.88 8.70
N GLU A 89 17.19 -21.00 8.82
CA GLU A 89 16.61 -21.68 7.65
C GLU A 89 15.31 -21.01 7.24
N LEU A 90 15.06 -20.93 5.95
CA LEU A 90 13.78 -20.47 5.43
C LEU A 90 12.64 -21.28 6.07
N PHE A 91 12.85 -22.59 6.27
CA PHE A 91 11.86 -23.42 6.89
C PHE A 91 11.34 -22.78 8.18
N GLU A 92 12.26 -22.36 9.06
CA GLU A 92 11.84 -21.85 10.37
C GLU A 92 11.15 -20.50 10.22
N ASP A 93 11.55 -19.69 9.23
CA ASP A 93 10.88 -18.41 9.02
C ASP A 93 9.44 -18.59 8.56
N ILE A 94 9.21 -19.61 7.72
CA ILE A 94 7.86 -19.99 7.32
C ILE A 94 7.01 -20.47 8.48
N VAL A 95 7.57 -21.31 9.32
CA VAL A 95 6.85 -21.75 10.51
C VAL A 95 6.50 -20.53 11.38
N ALA A 96 7.47 -19.62 11.55
CA ALA A 96 7.24 -18.44 12.45
C ALA A 96 6.15 -17.54 11.92
N ARG A 97 6.10 -17.37 10.59
CA ARG A 97 5.16 -16.48 9.96
C ARG A 97 3.85 -17.16 9.52
N GLU A 98 3.82 -18.49 9.58
CA GLU A 98 2.76 -19.38 9.02
C GLU A 98 2.88 -19.49 7.51
N TYR A 99 2.84 -18.35 6.84
CA TYR A 99 2.94 -18.28 5.39
C TYR A 99 3.34 -16.85 5.01
N TYR A 100 3.73 -16.71 3.77
CA TYR A 100 4.14 -15.43 3.21
C TYR A 100 3.02 -14.81 2.37
N SER A 101 2.93 -13.47 2.39
CA SER A 101 2.19 -12.71 1.38
C SER A 101 2.63 -13.04 -0.02
N GLU A 102 1.81 -12.70 -1.02
CA GLU A 102 2.20 -12.99 -2.38
C GLU A 102 3.41 -12.18 -2.77
N ALA A 103 3.43 -10.90 -2.41
CA ALA A 103 4.64 -10.05 -2.61
C ALA A 103 5.92 -10.70 -2.06
N ASP A 104 5.86 -11.17 -0.82
CA ASP A 104 7.03 -11.76 -0.18
C ASP A 104 7.36 -13.13 -0.73
N ALA A 105 6.33 -13.91 -1.07
CA ALA A 105 6.56 -15.22 -1.67
C ALA A 105 7.19 -15.10 -3.05
N SER A 106 6.70 -14.16 -3.86
CA SER A 106 7.24 -13.99 -5.18
C SER A 106 8.69 -13.58 -5.10
N HIS A 107 8.99 -12.66 -4.19
CA HIS A 107 10.36 -12.19 -4.02
C HIS A 107 11.28 -13.33 -3.56
N CYS A 108 10.79 -14.18 -2.67
CA CYS A 108 11.56 -15.30 -2.17
C CYS A 108 11.81 -16.32 -3.28
N ILE A 109 10.75 -16.73 -3.98
CA ILE A 109 10.91 -17.75 -5.02
C ILE A 109 11.75 -17.21 -6.16
N GLN A 110 11.68 -15.91 -6.42
CA GLN A 110 12.52 -15.33 -7.46
C GLN A 110 14.01 -15.59 -7.18
N GLN A 111 14.43 -15.40 -5.94
CA GLN A 111 15.81 -15.66 -5.55
C GLN A 111 16.15 -17.13 -5.58
N ILE A 112 15.22 -17.97 -5.16
CA ILE A 112 15.45 -19.40 -5.24
C ILE A 112 15.63 -19.85 -6.69
N LEU A 113 14.81 -19.30 -7.60
CA LEU A 113 14.89 -19.63 -9.01
C LEU A 113 16.20 -19.15 -9.58
N GLU A 114 16.67 -17.98 -9.17
CA GLU A 114 18.01 -17.51 -9.61
C GLU A 114 19.11 -18.49 -9.17
N SER A 115 19.01 -19.01 -7.96
CA SER A 115 20.02 -19.94 -7.47
C SER A 115 19.99 -21.22 -8.31
N VAL A 116 18.80 -21.70 -8.63
CA VAL A 116 18.61 -22.94 -9.39
C VAL A 116 19.04 -22.78 -10.82
N ASN A 117 18.68 -21.65 -11.42
CA ASN A 117 19.12 -21.34 -12.75
C ASN A 117 20.65 -21.28 -12.81
N HIS A 118 21.32 -20.67 -11.82
CA HIS A 118 22.77 -20.64 -11.82
C HIS A 118 23.40 -22.04 -11.76
N CYS A 119 22.86 -22.89 -10.88
CA CYS A 119 23.28 -24.28 -10.80
C CYS A 119 23.16 -24.95 -12.17
N HIS A 120 21.99 -24.80 -12.78
CA HIS A 120 21.68 -25.49 -14.03
C HIS A 120 22.55 -25.03 -15.18
N LEU A 121 22.76 -23.71 -15.29
CA LEU A 121 23.75 -23.12 -16.21
C LEU A 121 25.15 -23.64 -16.04
N ASN A 122 25.49 -24.08 -14.84
CA ASN A 122 26.79 -24.63 -14.56
C ASN A 122 26.85 -26.16 -14.56
N GLY A 123 25.81 -26.82 -15.06
CA GLY A 123 25.82 -28.28 -15.15
C GLY A 123 25.69 -28.97 -13.80
N ILE A 124 25.00 -28.33 -12.87
CA ILE A 124 24.79 -28.88 -11.54
C ILE A 124 23.29 -29.03 -11.29
N VAL A 125 22.90 -30.21 -10.82
CA VAL A 125 21.54 -30.46 -10.39
C VAL A 125 21.61 -30.68 -8.87
N HIS A 126 20.90 -29.88 -8.08
CA HIS A 126 21.05 -29.94 -6.59
C HIS A 126 20.42 -31.18 -6.00
N ARG A 127 19.24 -31.49 -6.51
CA ARG A 127 18.41 -32.65 -6.10
C ARG A 127 17.77 -32.59 -4.73
N ASP A 128 18.02 -31.55 -3.92
CA ASP A 128 17.45 -31.50 -2.60
C ASP A 128 16.93 -30.10 -2.23
N LEU A 129 16.26 -29.45 -3.18
CA LEU A 129 15.62 -28.16 -2.89
C LEU A 129 14.51 -28.34 -1.89
N LYS A 130 14.58 -27.57 -0.81
CA LYS A 130 13.55 -27.58 0.23
C LYS A 130 13.88 -26.42 1.17
N PRO A 131 12.89 -25.97 1.92
CA PRO A 131 13.13 -24.80 2.77
C PRO A 131 14.21 -24.99 3.85
N GLU A 132 14.41 -26.24 4.28
CA GLU A 132 15.46 -26.58 5.23
C GLU A 132 16.86 -26.32 4.66
N ASN A 133 17.01 -26.30 3.33
CA ASN A 133 18.28 -26.14 2.65
C ASN A 133 18.47 -24.76 2.07
N LEU A 134 17.63 -23.81 2.50
CA LEU A 134 17.71 -22.43 2.02
C LEU A 134 17.89 -21.56 3.26
N LEU A 135 18.95 -20.76 3.27
CA LEU A 135 19.33 -20.02 4.47
C LEU A 135 19.15 -18.51 4.21
N LEU A 136 18.72 -17.80 5.25
CA LEU A 136 18.55 -16.35 5.22
C LEU A 136 19.87 -15.77 5.74
N ALA A 137 20.47 -14.94 4.93
CA ALA A 137 21.84 -14.44 5.10
C ALA A 137 22.00 -13.65 6.38
N SER A 138 20.94 -12.97 6.81
CA SER A 138 20.95 -12.19 8.04
C SER A 138 19.52 -12.16 8.57
N LYS A 139 19.32 -11.40 9.65
CA LYS A 139 17.99 -11.25 10.23
C LYS A 139 17.18 -10.11 9.57
N SER A 140 17.75 -9.40 8.60
CA SER A 140 17.07 -8.33 7.87
C SER A 140 15.79 -8.82 7.20
N LYS A 141 14.75 -7.98 7.25
CA LYS A 141 13.54 -8.23 6.46
C LYS A 141 13.88 -8.35 4.99
N GLY A 142 15.00 -7.76 4.58
CA GLY A 142 15.45 -7.83 3.19
C GLY A 142 16.56 -8.83 2.92
N ALA A 143 16.79 -9.78 3.82
CA ALA A 143 17.96 -10.65 3.69
C ALA A 143 17.82 -11.53 2.45
N ALA A 144 18.95 -11.78 1.78
CA ALA A 144 19.05 -12.76 0.72
C ALA A 144 18.81 -14.18 1.21
N VAL A 145 18.11 -14.94 0.37
CA VAL A 145 17.96 -16.38 0.53
C VAL A 145 19.11 -17.03 -0.17
N LYS A 146 19.75 -17.99 0.49
CA LYS A 146 20.92 -18.64 -0.07
C LYS A 146 20.76 -20.17 -0.06
N LEU A 147 20.90 -20.74 -1.24
CA LEU A 147 20.90 -22.21 -1.39
C LEU A 147 22.14 -22.84 -0.76
N ALA A 148 21.91 -23.87 0.06
CA ALA A 148 22.97 -24.61 0.75
C ALA A 148 22.73 -26.13 0.63
N ASP A 149 23.55 -26.92 1.31
CA ASP A 149 23.42 -28.38 1.44
C ASP A 149 23.54 -29.09 0.08
N PHE A 150 24.70 -28.94 -0.55
CA PHE A 150 25.04 -29.51 -1.83
C PHE A 150 25.53 -30.97 -1.75
N GLY A 151 25.26 -31.61 -0.63
CA GLY A 151 25.64 -33.01 -0.39
C GLY A 151 25.02 -34.01 -1.35
N LEU A 152 23.91 -33.66 -2.00
CA LEU A 152 23.29 -34.53 -2.98
C LEU A 152 23.47 -34.03 -4.42
N ALA A 153 24.14 -32.90 -4.60
CA ALA A 153 24.28 -32.32 -5.90
C ALA A 153 25.07 -33.23 -6.85
N ILE A 154 24.78 -33.12 -8.13
CA ILE A 154 25.43 -33.94 -9.14
C ILE A 154 25.84 -33.05 -10.27
N GLU A 155 26.86 -33.50 -10.99
CA GLU A 155 27.31 -32.81 -12.18
C GLU A 155 26.77 -33.54 -13.41
N VAL A 156 26.10 -32.80 -14.28
CA VAL A 156 25.50 -33.37 -15.48
C VAL A 156 26.13 -32.72 -16.71
N GLN A 157 26.03 -33.41 -17.84
CA GLN A 157 26.57 -32.91 -19.11
C GLN A 157 25.44 -32.36 -19.96
N GLY A 158 25.39 -31.05 -20.10
CA GLY A 158 24.31 -30.40 -20.84
C GLY A 158 22.95 -30.85 -20.33
N ASP A 159 22.08 -31.17 -21.27
CA ASP A 159 20.75 -31.68 -20.99
C ASP A 159 20.64 -33.20 -21.04
N GLN A 160 21.78 -33.90 -21.01
CA GLN A 160 21.79 -35.38 -20.96
C GLN A 160 21.31 -35.86 -19.59
N GLN A 161 20.40 -36.83 -19.61
CA GLN A 161 19.78 -37.36 -18.42
C GLN A 161 20.04 -38.83 -18.22
N ALA A 162 19.94 -39.30 -16.99
CA ALA A 162 20.22 -40.68 -16.66
C ALA A 162 19.57 -41.02 -15.34
N TRP A 163 19.62 -42.28 -14.96
CA TRP A 163 19.22 -42.67 -13.63
C TRP A 163 20.37 -42.35 -12.73
N PHE A 164 20.23 -41.26 -11.99
CA PHE A 164 21.27 -40.78 -11.08
C PHE A 164 21.08 -41.26 -9.65
N GLY A 165 20.07 -42.09 -9.42
CA GLY A 165 19.85 -42.64 -8.10
C GLY A 165 18.63 -42.05 -7.42
N PHE A 166 18.05 -42.83 -6.52
CA PHE A 166 16.98 -42.35 -5.67
C PHE A 166 17.61 -41.56 -4.52
N ALA A 167 17.46 -40.25 -4.58
CA ALA A 167 18.02 -39.35 -3.58
C ALA A 167 17.19 -38.09 -3.56
N GLY A 168 17.00 -37.51 -2.37
CA GLY A 168 16.27 -36.24 -2.19
C GLY A 168 15.48 -36.33 -0.90
N THR A 169 14.43 -35.50 -0.76
CA THR A 169 13.62 -35.51 0.47
C THR A 169 12.18 -35.85 0.07
N PRO A 170 11.56 -36.85 0.74
CA PRO A 170 10.28 -37.44 0.28
C PRO A 170 9.21 -36.48 -0.25
N GLY A 171 8.85 -35.46 0.53
CA GLY A 171 7.75 -34.58 0.11
C GLY A 171 8.07 -33.75 -1.13
N TYR A 172 9.36 -33.66 -1.45
CA TYR A 172 9.87 -32.82 -2.55
C TYR A 172 10.32 -33.59 -3.80
N LEU A 173 10.30 -34.91 -3.69
CA LEU A 173 10.70 -35.81 -4.78
C LEU A 173 9.82 -35.64 -6.03
N SER A 174 10.44 -35.68 -7.20
CA SER A 174 9.72 -35.56 -8.45
C SER A 174 9.12 -36.90 -8.87
N PRO A 175 8.04 -36.87 -9.68
CA PRO A 175 7.45 -38.10 -10.20
C PRO A 175 8.45 -38.97 -10.98
N GLU A 176 9.35 -38.35 -11.76
CA GLU A 176 10.33 -39.12 -12.54
C GLU A 176 11.32 -39.90 -11.65
N VAL A 177 11.74 -39.31 -10.55
CA VAL A 177 12.57 -40.02 -9.57
C VAL A 177 11.77 -41.15 -8.93
N LEU A 178 10.50 -40.88 -8.59
CA LEU A 178 9.68 -41.92 -7.95
C LEU A 178 9.38 -43.09 -8.89
N ARG A 179 9.32 -42.81 -10.18
CA ARG A 179 9.06 -43.85 -11.17
C ARG A 179 10.33 -44.58 -11.53
N LYS A 180 11.45 -44.09 -11.00
CA LYS A 180 12.77 -44.63 -11.27
C LYS A 180 13.13 -44.41 -12.75
N ASP A 181 12.71 -43.28 -13.32
CA ASP A 181 13.07 -42.92 -14.70
C ASP A 181 14.34 -42.09 -14.72
N PRO A 182 14.98 -42.02 -15.90
CA PRO A 182 16.09 -41.09 -16.08
C PRO A 182 15.61 -39.68 -15.79
N TYR A 183 16.49 -38.85 -15.26
CA TYR A 183 16.08 -37.52 -14.85
C TYR A 183 17.21 -36.54 -14.93
N GLY A 184 16.92 -35.28 -14.63
CA GLY A 184 17.91 -34.23 -14.81
C GLY A 184 17.50 -32.94 -14.14
N LYS A 185 17.79 -31.82 -14.80
CA LYS A 185 17.57 -30.50 -14.22
C LYS A 185 16.13 -30.25 -13.77
N PRO A 186 15.14 -30.83 -14.49
CA PRO A 186 13.77 -30.56 -14.07
C PRO A 186 13.33 -31.02 -12.65
N VAL A 187 14.04 -31.95 -12.03
CA VAL A 187 13.69 -32.34 -10.65
C VAL A 187 13.75 -31.13 -9.70
N ASP A 188 14.65 -30.19 -9.94
CA ASP A 188 14.79 -29.03 -9.05
C ASP A 188 13.60 -28.10 -9.20
N MET A 189 13.00 -28.10 -10.40
CA MET A 189 11.83 -27.21 -10.71
C MET A 189 10.53 -27.77 -10.10
N TRP A 190 10.37 -29.08 -10.09
CA TRP A 190 9.33 -29.74 -9.31
C TRP A 190 9.41 -29.36 -7.82
N ALA A 191 10.59 -29.51 -7.20
CA ALA A 191 10.83 -29.11 -5.80
C ALA A 191 10.49 -27.63 -5.57
N CYS A 192 10.87 -26.76 -6.52
CA CYS A 192 10.51 -25.33 -6.47
C CYS A 192 9.01 -25.10 -6.38
N GLY A 193 8.24 -25.92 -7.09
CA GLY A 193 6.81 -25.85 -7.03
C GLY A 193 6.25 -26.23 -5.67
N VAL A 194 6.85 -27.23 -5.05
CA VAL A 194 6.46 -27.64 -3.70
C VAL A 194 6.78 -26.50 -2.73
N ILE A 195 7.94 -25.86 -2.88
CA ILE A 195 8.29 -24.75 -1.99
C ILE A 195 7.35 -23.55 -2.18
N LEU A 196 7.05 -23.21 -3.42
CA LEU A 196 6.16 -22.07 -3.65
C LEU A 196 4.81 -22.34 -3.00
N TYR A 197 4.29 -23.55 -3.15
CA TYR A 197 3.03 -23.91 -2.55
C TYR A 197 3.09 -23.71 -1.02
N ILE A 198 4.16 -24.18 -0.41
CA ILE A 198 4.35 -24.03 1.02
C ILE A 198 4.45 -22.53 1.41
N LEU A 199 5.13 -21.73 0.59
CA LEU A 199 5.27 -20.30 0.89
C LEU A 199 3.92 -19.63 0.99
N LEU A 200 2.98 -20.07 0.15
CA LEU A 200 1.75 -19.33 0.00
C LEU A 200 0.72 -19.69 1.03
N VAL A 201 0.73 -20.92 1.51
CA VAL A 201 -0.28 -21.32 2.49
C VAL A 201 0.25 -22.02 3.75
N GLY A 202 1.53 -22.36 3.81
CA GLY A 202 2.13 -22.89 5.05
C GLY A 202 1.99 -24.40 5.28
N TYR A 203 1.56 -25.15 4.26
CA TYR A 203 1.54 -26.59 4.34
C TYR A 203 1.85 -27.14 2.95
N PRO A 204 2.34 -28.38 2.88
CA PRO A 204 2.73 -28.93 1.58
C PRO A 204 1.59 -29.45 0.70
N PRO A 205 1.82 -29.50 -0.61
CA PRO A 205 0.83 -29.96 -1.57
C PRO A 205 0.61 -31.50 -1.50
N PHE A 206 1.68 -32.25 -1.18
CA PHE A 206 1.59 -33.69 -1.00
C PHE A 206 2.07 -34.03 0.40
N TRP A 207 1.21 -34.66 1.17
CA TRP A 207 1.61 -35.18 2.45
C TRP A 207 0.75 -36.33 2.90
N ASP A 208 1.42 -37.36 3.41
CA ASP A 208 0.78 -38.49 4.08
C ASP A 208 1.80 -39.15 4.99
N GLU A 209 1.31 -39.63 6.14
CA GLU A 209 2.16 -40.34 7.10
C GLU A 209 2.63 -41.68 6.51
N ASP A 210 1.75 -42.34 5.75
CA ASP A 210 2.16 -43.52 4.97
C ASP A 210 2.89 -43.03 3.72
N GLN A 211 4.20 -43.24 3.68
CA GLN A 211 5.05 -42.77 2.60
C GLN A 211 4.66 -43.35 1.23
N HIS A 212 4.20 -44.61 1.21
CA HIS A 212 3.74 -45.24 -0.03
C HIS A 212 2.59 -44.44 -0.65
N ARG A 213 1.65 -44.00 0.19
CA ARG A 213 0.55 -43.14 -0.22
C ARG A 213 1.03 -41.78 -0.67
N LEU A 214 1.98 -41.22 0.05
CA LEU A 214 2.65 -39.96 -0.36
C LEU A 214 3.22 -40.06 -1.78
N TYR A 215 3.98 -41.12 -2.00
CA TYR A 215 4.58 -41.35 -3.31
C TYR A 215 3.54 -41.56 -4.41
N GLN A 216 2.44 -42.23 -4.07
CA GLN A 216 1.33 -42.39 -5.02
C GLN A 216 0.73 -41.03 -5.41
N GLN A 217 0.48 -40.17 -4.42
CA GLN A 217 -0.07 -38.83 -4.66
C GLN A 217 0.87 -38.00 -5.56
N ILE A 218 2.17 -38.07 -5.29
CA ILE A 218 3.16 -37.31 -6.08
C ILE A 218 3.13 -37.76 -7.53
N LYS A 219 3.31 -39.06 -7.74
CA LYS A 219 3.25 -39.62 -9.10
C LYS A 219 1.96 -39.30 -9.84
N ALA A 220 0.82 -39.22 -9.11
CA ALA A 220 -0.46 -38.85 -9.72
C ALA A 220 -0.61 -37.32 -9.91
N GLY A 221 0.27 -36.53 -9.28
CA GLY A 221 0.09 -35.09 -9.22
C GLY A 221 -1.21 -34.75 -8.50
N ALA A 222 -1.51 -35.47 -7.43
CA ALA A 222 -2.76 -35.33 -6.66
C ALA A 222 -2.62 -34.21 -5.62
N TYR A 223 -2.72 -32.97 -6.10
CA TYR A 223 -2.69 -31.79 -5.23
C TYR A 223 -3.83 -30.94 -5.70
N ASP A 224 -4.30 -30.06 -4.83
CA ASP A 224 -5.24 -29.05 -5.29
C ASP A 224 -5.08 -27.76 -4.48
N PHE A 225 -5.96 -26.79 -4.72
CA PHE A 225 -5.90 -25.49 -4.04
C PHE A 225 -7.18 -25.26 -3.24
N PRO A 226 -7.27 -25.89 -2.06
CA PRO A 226 -8.54 -25.91 -1.42
C PRO A 226 -8.96 -24.63 -0.72
N SER A 227 -10.28 -24.51 -0.55
CA SER A 227 -10.88 -23.38 0.14
C SER A 227 -10.85 -23.66 1.64
N PRO A 228 -10.88 -22.62 2.46
CA PRO A 228 -10.89 -21.19 2.08
C PRO A 228 -9.52 -20.57 1.86
N GLU A 229 -8.44 -21.20 2.31
CA GLU A 229 -7.15 -20.53 2.30
C GLU A 229 -6.68 -20.09 0.92
N TRP A 230 -6.99 -20.88 -0.10
CA TRP A 230 -6.55 -20.53 -1.46
C TRP A 230 -7.47 -19.54 -2.17
N ASP A 231 -8.63 -19.23 -1.57
CA ASP A 231 -9.65 -18.42 -2.25
C ASP A 231 -9.15 -17.01 -2.57
N THR A 232 -8.29 -16.45 -1.73
CA THR A 232 -7.82 -15.08 -1.95
C THR A 232 -6.46 -15.05 -2.69
N VAL A 233 -5.83 -16.21 -2.88
CA VAL A 233 -4.60 -16.31 -3.66
C VAL A 233 -4.92 -16.15 -5.16
N THR A 234 -4.16 -15.29 -5.82
CA THR A 234 -4.40 -14.95 -7.22
C THR A 234 -4.20 -16.19 -8.15
N PRO A 235 -4.95 -16.22 -9.27
CA PRO A 235 -4.78 -17.34 -10.19
C PRO A 235 -3.40 -17.38 -10.85
N GLU A 236 -2.72 -16.23 -10.93
CA GLU A 236 -1.37 -16.17 -11.50
C GLU A 236 -0.38 -17.00 -10.66
N ALA A 237 -0.49 -16.92 -9.34
CA ALA A 237 0.34 -17.74 -8.41
C ALA A 237 0.08 -19.21 -8.64
N LYS A 238 -1.21 -19.57 -8.66
CA LYS A 238 -1.62 -20.98 -8.94
C LYS A 238 -1.18 -21.51 -10.31
N ASP A 239 -1.20 -20.65 -11.31
CA ASP A 239 -0.72 -21.00 -12.62
C ASP A 239 0.79 -21.33 -12.64
N LEU A 240 1.58 -20.51 -11.97
CA LEU A 240 3.02 -20.79 -11.90
C LEU A 240 3.23 -22.09 -11.17
N ILE A 241 2.51 -22.31 -10.07
CA ILE A 241 2.64 -23.58 -9.36
C ILE A 241 2.30 -24.76 -10.26
N ASN A 242 1.21 -24.63 -11.00
CA ASN A 242 0.80 -25.62 -11.97
C ASN A 242 1.95 -25.97 -12.95
N LYS A 243 2.61 -24.95 -13.46
CA LYS A 243 3.65 -25.16 -14.47
C LYS A 243 4.90 -25.82 -13.89
N MET A 244 5.12 -25.63 -12.58
CA MET A 244 6.22 -26.31 -11.88
C MET A 244 5.83 -27.76 -11.50
N LEU A 245 4.58 -27.93 -11.07
CA LEU A 245 4.11 -29.24 -10.64
C LEU A 245 3.45 -29.98 -11.80
N THR A 246 4.15 -29.99 -12.91
CA THR A 246 3.76 -30.69 -14.10
C THR A 246 4.49 -32.03 -14.11
N ILE A 247 3.73 -33.13 -14.23
CA ILE A 247 4.32 -34.49 -14.13
C ILE A 247 5.31 -34.80 -15.27
N ASN A 248 4.99 -34.39 -16.49
CA ASN A 248 5.91 -34.63 -17.61
C ASN A 248 7.05 -33.60 -17.55
N PRO A 249 8.30 -34.06 -17.29
CA PRO A 249 9.42 -33.16 -17.08
C PRO A 249 9.85 -32.36 -18.31
N ALA A 250 9.50 -32.85 -19.50
CA ALA A 250 9.77 -32.12 -20.75
C ALA A 250 8.83 -30.91 -20.88
N LYS A 251 7.65 -31.00 -20.29
CA LYS A 251 6.68 -29.89 -20.34
C LYS A 251 6.76 -28.97 -19.11
N ARG A 252 7.53 -29.36 -18.10
CA ARG A 252 7.62 -28.57 -16.88
C ARG A 252 8.40 -27.29 -17.18
N ILE A 253 7.98 -26.20 -16.53
CA ILE A 253 8.65 -24.92 -16.70
C ILE A 253 10.12 -25.02 -16.21
N THR A 254 11.04 -24.39 -16.94
CA THR A 254 12.43 -24.30 -16.50
C THR A 254 12.60 -23.08 -15.60
N ALA A 255 13.75 -23.01 -14.93
CA ALA A 255 14.03 -21.90 -13.99
C ALA A 255 14.03 -20.56 -14.77
N SER A 256 14.64 -20.56 -15.96
CA SER A 256 14.72 -19.34 -16.78
C SER A 256 13.34 -18.90 -17.22
N GLU A 257 12.51 -19.84 -17.65
CA GLU A 257 11.14 -19.52 -18.03
C GLU A 257 10.33 -19.02 -16.84
N ALA A 258 10.46 -19.70 -15.72
CA ALA A 258 9.76 -19.30 -14.49
C ALA A 258 10.13 -17.89 -14.06
N LEU A 259 11.38 -17.48 -14.28
CA LEU A 259 11.81 -16.10 -13.98
C LEU A 259 11.16 -15.03 -14.85
N LYS A 260 10.54 -15.44 -15.98
CA LYS A 260 9.77 -14.55 -16.86
C LYS A 260 8.26 -14.63 -16.65
N HIS A 261 7.81 -15.45 -15.71
CA HIS A 261 6.38 -15.59 -15.47
C HIS A 261 5.88 -14.23 -14.92
N PRO A 262 4.68 -13.78 -15.32
CA PRO A 262 4.18 -12.46 -14.92
C PRO A 262 4.07 -12.26 -13.39
N TRP A 263 3.74 -13.33 -12.67
CA TRP A 263 3.65 -13.29 -11.21
C TRP A 263 5.00 -12.98 -10.55
N ILE A 264 6.09 -13.32 -11.22
CA ILE A 264 7.44 -13.03 -10.73
C ILE A 264 7.92 -11.66 -11.19
N CYS A 265 7.76 -11.33 -12.48
CA CYS A 265 8.51 -10.21 -13.03
C CYS A 265 7.67 -9.02 -13.48
N GLN A 266 6.34 -9.10 -13.34
CA GLN A 266 5.47 -8.02 -13.79
C GLN A 266 4.54 -7.62 -12.65
N ARG A 267 5.12 -7.37 -11.48
CA ARG A 267 4.36 -7.10 -10.28
C ARG A 267 4.05 -5.61 -10.06
N SER A 268 4.87 -4.73 -10.66
CA SER A 268 4.78 -3.29 -10.40
C SER A 268 3.84 -2.60 -11.38
N MET A 273 -3.97 4.19 -18.55
CA MET A 273 -4.34 5.12 -17.50
C MET A 273 -4.54 6.57 -18.00
N MET A 274 -3.86 6.99 -19.08
CA MET A 274 -4.04 8.35 -19.57
C MET A 274 -5.45 8.61 -20.09
N HIS A 275 -6.00 9.76 -19.72
CA HIS A 275 -7.34 10.18 -20.18
C HIS A 275 -7.27 11.58 -20.80
N ARG A 276 -8.16 11.86 -21.75
CA ARG A 276 -8.22 13.16 -22.39
C ARG A 276 -8.53 14.23 -21.37
N GLN A 277 -8.00 15.42 -21.60
CA GLN A 277 -8.32 16.56 -20.79
C GLN A 277 -8.99 17.59 -21.70
N GLU A 278 -10.05 18.19 -21.19
CA GLU A 278 -10.76 19.23 -21.92
C GLU A 278 -10.09 20.59 -21.72
N THR A 279 -10.19 21.38 -22.77
CA THR A 279 -9.67 22.70 -22.84
C THR A 279 -10.49 23.56 -21.89
N VAL A 280 -9.82 24.46 -21.20
CA VAL A 280 -10.47 25.49 -20.40
C VAL A 280 -10.38 26.82 -21.20
N ASP A 281 -11.54 27.30 -21.60
CA ASP A 281 -11.65 28.46 -22.47
C ASP A 281 -11.53 29.72 -21.63
N CYS A 282 -11.91 29.63 -20.36
CA CYS A 282 -11.93 30.77 -19.45
C CYS A 282 -12.34 30.35 -18.04
N LEU A 283 -12.32 31.30 -17.12
CA LEU A 283 -12.86 31.08 -15.79
C LEU A 283 -14.31 31.61 -15.74
N LYS A 284 -15.06 31.12 -14.75
CA LYS A 284 -16.46 31.54 -14.52
C LYS A 284 -16.50 32.96 -13.96
N LYS A 285 -17.33 33.81 -14.55
CA LYS A 285 -17.44 35.21 -14.15
C LYS A 285 -17.93 35.31 -12.69
N PHE A 286 -17.28 36.16 -11.89
CA PHE A 286 -17.76 36.45 -10.53
C PHE A 286 -19.11 37.14 -10.70
N ASN A 287 -20.14 36.71 -9.97
CA ASN A 287 -21.45 37.35 -10.07
C ASN A 287 -21.57 38.40 -8.94
N ALA A 288 -21.17 39.64 -9.27
CA ALA A 288 -21.07 40.74 -8.30
C ALA A 288 -22.44 41.08 -7.70
N ARG A 289 -23.46 41.10 -8.56
CA ARG A 289 -24.77 41.54 -8.12
C ARG A 289 -25.40 40.52 -7.19
N ARG A 290 -25.23 39.23 -7.50
CA ARG A 290 -25.76 38.18 -6.64
C ARG A 290 -25.00 38.15 -5.34
N LYS A 291 -23.68 38.37 -5.41
CA LYS A 291 -22.91 38.42 -4.17
C LYS A 291 -23.42 39.53 -3.27
N LEU A 292 -23.60 40.72 -3.85
CA LEU A 292 -24.03 41.87 -3.05
C LEU A 292 -25.45 41.67 -2.52
N LYS A 293 -26.36 41.19 -3.36
CA LYS A 293 -27.74 40.99 -2.89
C LYS A 293 -27.86 39.93 -1.80
N GLY A 294 -27.07 38.86 -1.91
CA GLY A 294 -27.04 37.82 -0.88
C GLY A 294 -26.62 38.40 0.47
N ALA A 295 -25.59 39.23 0.44
CA ALA A 295 -25.10 39.88 1.65
C ALA A 295 -26.12 40.84 2.22
N ILE A 296 -26.80 41.61 1.35
CA ILE A 296 -27.78 42.56 1.82
C ILE A 296 -28.97 41.82 2.44
N LEU A 297 -29.48 40.82 1.71
CA LEU A 297 -30.58 39.97 2.26
C LEU A 297 -30.24 39.36 3.63
N THR A 298 -29.01 38.85 3.75
CA THR A 298 -28.51 38.30 5.03
C THR A 298 -28.62 39.36 6.15
N THR A 299 -28.16 40.56 5.83
CA THR A 299 -28.21 41.66 6.79
C THR A 299 -29.63 42.09 7.14
N MET A 300 -30.52 42.12 6.14
CA MET A 300 -31.92 42.41 6.39
C MET A 300 -32.50 41.41 7.38
N LEU A 301 -32.23 40.14 7.15
CA LEU A 301 -32.72 39.09 8.07
C LEU A 301 -32.13 39.31 9.49
N ALA A 302 -30.83 39.57 9.55
CA ALA A 302 -30.10 39.80 10.81
C ALA A 302 -30.63 40.96 11.62
N THR A 303 -31.15 42.00 10.95
CA THR A 303 -31.68 43.18 11.65
C THR A 303 -33.14 43.03 12.20
N ARG A 304 -33.82 41.94 11.84
CA ARG A 304 -35.20 41.72 12.34
C ARG A 304 -35.35 41.64 13.86
N ASN A 305 -34.43 40.96 14.53
CA ASN A 305 -34.47 40.81 16.00
C ASN A 305 -34.34 42.18 16.71
N PHE A 306 -33.43 43.03 16.19
CA PHE A 306 -33.22 44.39 16.71
C PHE A 306 -34.47 45.26 16.53
N SER A 307 -35.13 45.13 15.37
CA SER A 307 -36.39 45.83 15.12
C SER A 307 -37.57 45.23 15.91
N ALA A 308 -37.70 43.89 15.87
CA ALA A 308 -38.81 43.18 16.52
C ALA A 308 -38.40 42.67 17.90
N ASP B 4 -40.79 28.61 -5.73
CA ASP B 4 -41.83 28.11 -6.71
C ASP B 4 -42.49 29.27 -7.46
N GLN B 5 -42.98 30.25 -6.72
CA GLN B 5 -43.43 31.53 -7.27
C GLN B 5 -42.28 32.56 -7.29
N LEU B 6 -41.10 32.14 -6.86
CA LEU B 6 -39.88 32.94 -7.00
C LEU B 6 -39.22 32.67 -8.35
N THR B 7 -38.52 33.65 -8.90
CA THR B 7 -37.68 33.43 -10.09
C THR B 7 -36.45 32.61 -9.72
N GLU B 8 -35.80 32.03 -10.74
CA GLU B 8 -34.54 31.33 -10.58
C GLU B 8 -33.47 32.25 -9.99
N GLU B 9 -33.41 33.51 -10.43
CA GLU B 9 -32.42 34.42 -9.87
C GLU B 9 -32.70 34.76 -8.40
N GLN B 10 -33.98 34.95 -8.07
CA GLN B 10 -34.38 35.11 -6.67
C GLN B 10 -33.97 33.90 -5.81
N ILE B 11 -34.20 32.70 -6.31
CA ILE B 11 -33.76 31.53 -5.58
C ILE B 11 -32.23 31.53 -5.39
N ALA B 12 -31.47 31.82 -6.46
CA ALA B 12 -30.00 31.91 -6.39
C ALA B 12 -29.49 32.94 -5.35
N GLU B 13 -30.13 34.10 -5.30
CA GLU B 13 -29.82 35.11 -4.29
C GLU B 13 -30.04 34.58 -2.89
N PHE B 14 -31.13 33.85 -2.67
CA PHE B 14 -31.35 33.28 -1.35
C PHE B 14 -30.38 32.13 -1.05
N LYS B 15 -29.95 31.39 -2.07
CA LYS B 15 -28.98 30.34 -1.83
C LYS B 15 -27.66 31.00 -1.41
N GLU B 16 -27.36 32.13 -2.00
CA GLU B 16 -26.14 32.86 -1.63
C GLU B 16 -26.19 33.31 -0.16
N ALA B 17 -27.34 33.87 0.23
CA ALA B 17 -27.57 34.28 1.63
C ALA B 17 -27.43 33.10 2.56
N PHE B 18 -28.05 31.97 2.18
CA PHE B 18 -27.99 30.73 2.92
C PHE B 18 -26.56 30.28 3.15
N SER B 19 -25.70 30.42 2.13
CA SER B 19 -24.34 29.96 2.24
C SER B 19 -23.54 30.79 3.27
N LEU B 20 -23.93 32.04 3.43
CA LEU B 20 -23.32 32.93 4.43
C LEU B 20 -23.64 32.48 5.89
N PHE B 21 -24.83 31.90 6.12
CA PHE B 21 -25.19 31.33 7.43
C PHE B 21 -24.58 29.96 7.65
N ASP B 22 -24.67 29.10 6.62
CA ASP B 22 -24.16 27.74 6.70
C ASP B 22 -22.63 27.68 6.53
N LYS B 23 -21.94 28.05 7.59
CA LYS B 23 -20.48 28.19 7.58
C LYS B 23 -19.73 26.89 7.26
N ASP B 24 -20.21 25.75 7.75
CA ASP B 24 -19.50 24.50 7.48
C ASP B 24 -19.99 23.79 6.21
N GLY B 25 -20.94 24.40 5.50
CA GLY B 25 -21.42 23.88 4.22
C GLY B 25 -22.12 22.54 4.26
N ASP B 26 -22.67 22.17 5.40
CA ASP B 26 -23.35 20.88 5.52
C ASP B 26 -24.84 20.94 5.11
N GLY B 27 -25.31 22.09 4.65
CA GLY B 27 -26.71 22.23 4.19
C GLY B 27 -27.73 22.52 5.28
N THR B 28 -27.29 22.81 6.49
CA THR B 28 -28.17 23.26 7.55
C THR B 28 -27.54 24.39 8.35
N ILE B 29 -28.39 25.19 8.97
CA ILE B 29 -27.95 26.29 9.81
C ILE B 29 -28.28 25.90 11.22
N THR B 30 -27.27 25.90 12.07
CA THR B 30 -27.42 25.70 13.48
C THR B 30 -27.61 27.05 14.21
N THR B 31 -27.96 26.94 15.48
CA THR B 31 -28.08 28.09 16.34
C THR B 31 -26.78 28.84 16.44
N LYS B 32 -25.67 28.10 16.58
CA LYS B 32 -24.36 28.72 16.72
C LYS B 32 -23.99 29.47 15.44
N GLU B 33 -24.29 28.84 14.30
CA GLU B 33 -24.09 29.47 13.01
C GLU B 33 -24.89 30.78 12.86
N LEU B 34 -26.17 30.74 13.23
CA LEU B 34 -27.01 31.92 13.24
C LEU B 34 -26.37 33.03 14.12
N GLY B 35 -26.02 32.69 15.35
CA GLY B 35 -25.36 33.66 16.24
C GLY B 35 -24.06 34.26 15.68
N THR B 36 -23.25 33.45 15.01
CA THR B 36 -22.00 33.92 14.43
C THR B 36 -22.26 35.02 13.41
N VAL B 37 -23.23 34.77 12.53
CA VAL B 37 -23.63 35.77 11.53
C VAL B 37 -24.16 37.06 12.19
N MET B 38 -25.10 36.91 13.11
CA MET B 38 -25.75 38.04 13.77
C MET B 38 -24.69 38.95 14.41
N ARG B 39 -23.81 38.35 15.21
CA ARG B 39 -22.77 39.09 15.94
C ARG B 39 -21.77 39.67 14.95
N SER B 40 -21.47 38.95 13.87
CA SER B 40 -20.58 39.48 12.82
C SER B 40 -21.15 40.74 12.15
N LEU B 41 -22.47 40.91 12.22
CA LEU B 41 -23.18 42.08 11.65
C LEU B 41 -23.60 43.09 12.71
N GLY B 42 -23.00 42.99 13.91
CA GLY B 42 -23.22 43.97 14.96
C GLY B 42 -24.53 43.82 15.67
N GLN B 43 -25.18 42.67 15.53
CA GLN B 43 -26.44 42.41 16.24
C GLN B 43 -26.15 41.61 17.52
N ASN B 44 -26.87 41.90 18.60
CA ASN B 44 -26.56 41.31 19.90
C ASN B 44 -27.69 40.53 20.55
N PRO B 45 -28.16 39.45 19.89
CA PRO B 45 -29.25 38.70 20.48
C PRO B 45 -28.74 37.86 21.65
N THR B 46 -29.60 37.58 22.61
CA THR B 46 -29.32 36.64 23.69
C THR B 46 -29.32 35.22 23.12
N GLU B 47 -28.81 34.26 23.89
CA GLU B 47 -28.85 32.87 23.47
C GLU B 47 -30.30 32.32 23.34
N ALA B 48 -31.18 32.70 24.27
CA ALA B 48 -32.61 32.35 24.18
C ALA B 48 -33.27 32.91 22.93
N GLU B 49 -32.95 34.14 22.58
CA GLU B 49 -33.43 34.76 21.35
C GLU B 49 -32.97 34.01 20.09
N LEU B 50 -31.71 33.60 20.06
CA LEU B 50 -31.22 32.84 18.91
C LEU B 50 -31.96 31.53 18.76
N GLN B 51 -32.14 30.80 19.86
CA GLN B 51 -32.82 29.51 19.80
C GLN B 51 -34.29 29.67 19.36
N ASP B 52 -34.97 30.71 19.84
CA ASP B 52 -36.34 31.03 19.41
C ASP B 52 -36.40 31.35 17.92
N MET B 53 -35.40 32.03 17.39
CA MET B 53 -35.36 32.33 15.95
C MET B 53 -35.28 31.01 15.17
N ILE B 54 -34.40 30.10 15.61
CA ILE B 54 -34.25 28.77 15.00
C ILE B 54 -35.58 28.02 15.08
N ASN B 55 -36.15 27.97 16.28
CA ASN B 55 -37.44 27.28 16.53
C ASN B 55 -38.61 27.80 15.68
N GLU B 56 -38.69 29.12 15.52
CA GLU B 56 -39.74 29.75 14.69
C GLU B 56 -39.65 29.34 13.20
N VAL B 57 -38.44 29.10 12.71
CA VAL B 57 -38.21 28.78 11.29
C VAL B 57 -38.10 27.26 11.01
N ASP B 58 -37.77 26.49 12.03
CA ASP B 58 -37.56 25.04 11.91
C ASP B 58 -38.89 24.26 11.91
N ALA B 59 -39.46 24.11 10.73
CA ALA B 59 -40.73 23.46 10.52
C ALA B 59 -40.77 22.02 11.06
N ASP B 60 -39.80 21.20 10.66
CA ASP B 60 -39.82 19.77 11.01
C ASP B 60 -39.29 19.46 12.43
N GLY B 61 -38.78 20.47 13.12
CA GLY B 61 -38.43 20.32 14.53
C GLY B 61 -37.19 19.51 14.82
N ASN B 62 -36.29 19.42 13.83
CA ASN B 62 -35.04 18.68 13.99
C ASN B 62 -33.89 19.54 14.53
N GLY B 63 -34.18 20.80 14.87
CA GLY B 63 -33.20 21.65 15.53
C GLY B 63 -32.29 22.52 14.65
N THR B 64 -32.38 22.42 13.33
CA THR B 64 -31.56 23.24 12.41
C THR B 64 -32.39 23.68 11.21
N ILE B 65 -31.91 24.65 10.44
CA ILE B 65 -32.69 25.19 9.32
C ILE B 65 -32.07 24.71 8.01
N ASP B 66 -32.85 24.05 7.17
CA ASP B 66 -32.36 23.63 5.85
C ASP B 66 -32.81 24.67 4.85
N PHE B 67 -32.42 24.54 3.60
CA PHE B 67 -32.73 25.55 2.63
C PHE B 67 -34.24 25.75 2.34
N PRO B 68 -35.03 24.66 2.26
CA PRO B 68 -36.49 24.86 2.08
C PRO B 68 -37.13 25.67 3.22
N GLU B 69 -36.72 25.38 4.45
CA GLU B 69 -37.20 26.12 5.63
C GLU B 69 -36.75 27.58 5.58
N PHE B 70 -35.50 27.78 5.19
CA PHE B 70 -34.92 29.10 5.02
C PHE B 70 -35.64 29.90 3.92
N LEU B 71 -35.97 29.24 2.82
CA LEU B 71 -36.67 29.88 1.71
C LEU B 71 -38.03 30.34 2.18
N THR B 72 -38.86 29.35 2.54
CA THR B 72 -40.27 29.57 2.90
C THR B 72 -40.45 30.71 3.87
N MET B 73 -39.48 30.87 4.76
CA MET B 73 -39.43 31.97 5.68
C MET B 73 -39.48 33.30 4.91
N MET B 74 -38.52 33.52 4.02
CA MET B 74 -38.49 34.77 3.23
C MET B 74 -39.33 34.72 1.96
N ALA B 75 -40.07 33.62 1.74
CA ALA B 75 -41.22 33.65 0.85
C ALA B 75 -42.40 34.29 1.60
N ARG B 76 -42.16 34.78 2.83
CA ARG B 76 -43.15 35.56 3.56
C ARG B 76 -43.26 36.94 2.92
N LYS B 77 -44.41 37.20 2.29
CA LYS B 77 -44.75 38.52 1.76
C LYS B 77 -45.26 39.35 2.93
N MET B 78 -44.31 39.82 3.75
CA MET B 78 -44.60 40.61 4.96
C MET B 78 -45.04 42.02 4.56
N LYS B 79 -45.33 42.86 5.54
CA LYS B 79 -45.76 44.24 5.28
C LYS B 79 -44.70 45.01 4.48
N ASP B 80 -45.16 46.02 3.74
CA ASP B 80 -44.28 46.87 2.94
C ASP B 80 -43.49 47.82 3.87
N THR B 81 -44.12 48.20 4.99
CA THR B 81 -43.48 49.00 6.03
C THR B 81 -42.35 48.22 6.77
N ASP B 82 -42.56 46.91 6.96
CA ASP B 82 -41.55 46.01 7.55
C ASP B 82 -40.33 45.81 6.65
N SER B 83 -40.57 45.67 5.34
CA SER B 83 -39.48 45.56 4.35
C SER B 83 -38.67 46.87 4.26
N GLU B 84 -39.36 48.02 4.29
CA GLU B 84 -38.69 49.34 4.37
C GLU B 84 -37.75 49.45 5.56
N GLU B 85 -38.25 49.05 6.73
CA GLU B 85 -37.47 49.03 7.97
C GLU B 85 -36.21 48.16 7.85
N GLU B 86 -36.38 46.95 7.31
CA GLU B 86 -35.27 46.00 7.15
C GLU B 86 -34.19 46.60 6.26
N ILE B 87 -34.60 47.16 5.13
CA ILE B 87 -33.66 47.78 4.18
C ILE B 87 -32.89 48.95 4.83
N ARG B 88 -33.59 49.81 5.57
CA ARG B 88 -32.95 50.94 6.24
C ARG B 88 -31.95 50.53 7.32
N GLU B 89 -32.35 49.60 8.19
CA GLU B 89 -31.43 49.10 9.22
C GLU B 89 -30.22 48.36 8.61
N ALA B 90 -30.44 47.60 7.55
CA ALA B 90 -29.37 46.97 6.81
C ALA B 90 -28.35 47.98 6.27
N PHE B 91 -28.87 49.06 5.67
CA PHE B 91 -28.02 50.14 5.14
C PHE B 91 -27.10 50.65 6.23
N ARG B 92 -27.63 50.82 7.43
CA ARG B 92 -26.87 51.38 8.54
C ARG B 92 -25.81 50.42 9.00
N VAL B 93 -26.03 49.12 8.81
CA VAL B 93 -24.99 48.14 9.09
C VAL B 93 -23.80 48.29 8.17
N PHE B 94 -24.04 48.46 6.88
CA PHE B 94 -22.94 48.63 5.93
C PHE B 94 -22.23 49.98 6.16
N ASP B 95 -23.01 51.02 6.42
CA ASP B 95 -22.48 52.41 6.51
C ASP B 95 -21.98 52.69 7.93
N LYS B 96 -20.84 52.08 8.22
CA LYS B 96 -20.26 52.09 9.55
C LYS B 96 -20.05 53.49 10.08
N ASP B 97 -19.61 54.45 9.25
CA ASP B 97 -19.39 55.78 9.79
C ASP B 97 -20.63 56.68 9.77
N GLY B 98 -21.77 56.18 9.30
CA GLY B 98 -23.03 56.92 9.39
C GLY B 98 -23.08 58.19 8.54
N ASN B 99 -22.27 58.27 7.48
CA ASN B 99 -22.28 59.45 6.64
C ASN B 99 -23.28 59.40 5.50
N GLY B 100 -24.05 58.31 5.36
CA GLY B 100 -25.02 58.18 4.28
C GLY B 100 -24.53 57.53 3.00
N TYR B 101 -23.28 57.04 3.01
CA TYR B 101 -22.65 56.43 1.84
C TYR B 101 -21.92 55.16 2.25
N ILE B 102 -22.09 54.07 1.48
CA ILE B 102 -21.35 52.82 1.72
C ILE B 102 -20.14 52.88 0.79
N SER B 103 -18.94 52.90 1.37
CA SER B 103 -17.71 53.02 0.61
C SER B 103 -17.28 51.58 0.29
N ALA B 104 -16.33 51.41 -0.62
CA ALA B 104 -15.71 50.08 -0.91
C ALA B 104 -15.10 49.50 0.35
N ALA B 105 -14.43 50.36 1.14
CA ALA B 105 -13.79 49.90 2.39
C ALA B 105 -14.82 49.35 3.37
N GLU B 106 -15.95 50.01 3.46
CA GLU B 106 -17.04 49.58 4.36
C GLU B 106 -17.64 48.25 3.92
N LEU B 107 -17.88 48.11 2.61
CA LEU B 107 -18.36 46.85 2.05
C LEU B 107 -17.32 45.72 2.31
N ARG B 108 -16.05 46.01 2.08
CA ARG B 108 -14.98 45.03 2.33
C ARG B 108 -15.03 44.54 3.77
N HIS B 109 -15.19 45.47 4.69
CA HIS B 109 -15.27 45.11 6.11
C HIS B 109 -16.46 44.20 6.40
N VAL B 110 -17.63 44.49 5.84
CA VAL B 110 -18.76 43.61 6.04
C VAL B 110 -18.46 42.18 5.50
N MET B 111 -17.88 42.10 4.31
CA MET B 111 -17.60 40.80 3.71
C MET B 111 -16.54 40.01 4.53
N THR B 112 -15.49 40.69 5.00
CA THR B 112 -14.52 40.09 5.93
C THR B 112 -15.19 39.61 7.22
N ASN B 113 -16.06 40.43 7.80
CA ASN B 113 -16.74 40.06 9.03
C ASN B 113 -17.56 38.79 8.85
N LEU B 114 -18.20 38.69 7.68
CA LEU B 114 -18.99 37.52 7.28
C LEU B 114 -18.17 36.28 6.93
N GLY B 115 -16.86 36.41 6.87
CA GLY B 115 -15.98 35.28 6.59
C GLY B 115 -15.68 35.11 5.11
N GLU B 116 -16.07 36.07 4.28
CA GLU B 116 -15.85 35.93 2.84
C GLU B 116 -14.43 36.40 2.51
N LYS B 117 -13.82 35.83 1.48
CA LYS B 117 -12.47 36.22 1.08
C LYS B 117 -12.54 36.72 -0.35
N LEU B 118 -12.81 38.01 -0.50
CA LEU B 118 -12.92 38.59 -1.83
C LEU B 118 -11.74 39.49 -2.13
N THR B 119 -11.41 39.63 -3.41
CA THR B 119 -10.38 40.56 -3.81
C THR B 119 -10.96 41.97 -3.79
N ASP B 120 -10.06 42.94 -3.76
CA ASP B 120 -10.51 44.33 -3.79
C ASP B 120 -11.25 44.63 -5.10
N GLU B 121 -10.90 43.95 -6.18
CA GLU B 121 -11.56 44.17 -7.46
C GLU B 121 -13.00 43.67 -7.43
N GLU B 122 -13.22 42.53 -6.82
CA GLU B 122 -14.57 42.00 -6.66
C GLU B 122 -15.43 42.93 -5.82
N VAL B 123 -14.89 43.47 -4.73
CA VAL B 123 -15.62 44.46 -3.92
C VAL B 123 -15.96 45.71 -4.72
N ASP B 124 -15.02 46.25 -5.49
CA ASP B 124 -15.28 47.43 -6.36
C ASP B 124 -16.40 47.13 -7.36
N GLU B 125 -16.39 45.92 -7.92
CA GLU B 125 -17.38 45.47 -8.90
C GLU B 125 -18.76 45.47 -8.25
N MET B 126 -18.80 45.01 -6.99
CA MET B 126 -20.02 45.01 -6.19
C MET B 126 -20.56 46.41 -5.93
N ILE B 127 -19.69 47.32 -5.52
CA ILE B 127 -20.06 48.76 -5.41
C ILE B 127 -20.64 49.28 -6.72
N ARG B 128 -19.96 49.00 -7.84
CA ARG B 128 -20.48 49.48 -9.15
C ARG B 128 -21.86 48.92 -9.54
N GLU B 129 -22.22 47.72 -9.07
CA GLU B 129 -23.57 47.18 -9.38
C GLU B 129 -24.65 48.05 -8.76
N ALA B 130 -24.37 48.66 -7.61
CA ALA B 130 -25.34 49.51 -6.93
C ALA B 130 -25.13 51.02 -7.18
N ASP B 131 -23.91 51.41 -7.50
CA ASP B 131 -23.55 52.82 -7.58
C ASP B 131 -24.04 53.36 -8.91
N ILE B 132 -25.32 53.73 -8.96
CA ILE B 132 -25.91 54.28 -10.20
C ILE B 132 -25.26 55.59 -10.66
N ASP B 133 -25.11 56.57 -9.78
CA ASP B 133 -24.53 57.89 -10.18
C ASP B 133 -23.00 57.90 -10.35
N GLY B 134 -22.33 56.80 -10.00
CA GLY B 134 -20.90 56.64 -10.32
C GLY B 134 -19.93 57.42 -9.46
N ASP B 135 -20.35 57.89 -8.28
CA ASP B 135 -19.43 58.56 -7.35
C ASP B 135 -18.47 57.62 -6.61
N GLY B 136 -18.61 56.29 -6.79
CA GLY B 136 -17.79 55.33 -6.06
C GLY B 136 -18.36 54.83 -4.74
N GLN B 137 -19.56 55.30 -4.35
CA GLN B 137 -20.19 54.84 -3.10
C GLN B 137 -21.68 54.53 -3.33
N VAL B 138 -22.28 53.81 -2.41
CA VAL B 138 -23.68 53.46 -2.54
C VAL B 138 -24.42 54.29 -1.51
N ASN B 139 -25.32 55.14 -1.96
CA ASN B 139 -26.09 55.96 -1.03
C ASN B 139 -27.41 55.25 -0.72
N TYR B 140 -28.21 55.82 0.17
CA TYR B 140 -29.43 55.16 0.60
C TYR B 140 -30.39 54.87 -0.55
N GLU B 141 -30.60 55.87 -1.39
CA GLU B 141 -31.49 55.74 -2.54
C GLU B 141 -31.05 54.61 -3.49
N GLU B 142 -29.76 54.51 -3.74
CA GLU B 142 -29.19 53.45 -4.58
C GLU B 142 -29.35 52.06 -3.97
N PHE B 143 -29.17 51.98 -2.65
CA PHE B 143 -29.28 50.75 -1.88
C PHE B 143 -30.72 50.24 -1.96
N VAL B 144 -31.65 51.16 -1.74
CA VAL B 144 -33.10 50.84 -1.87
C VAL B 144 -33.44 50.37 -3.30
N GLN B 145 -33.00 51.13 -4.30
CA GLN B 145 -33.27 50.77 -5.70
C GLN B 145 -32.83 49.34 -5.97
N MET B 146 -31.64 49.01 -5.50
CA MET B 146 -31.11 47.68 -5.70
C MET B 146 -32.00 46.58 -5.13
N MET B 147 -32.57 46.80 -3.93
CA MET B 147 -33.36 45.80 -3.24
C MET B 147 -34.86 45.87 -3.59
N THR B 148 -35.20 46.67 -4.59
CA THR B 148 -36.56 46.81 -5.07
C THR B 148 -36.48 47.02 -6.58
#